data_4KZK
#
_entry.id   4KZK
#
_cell.length_a   45.770
_cell.length_b   51.820
_cell.length_c   59.220
_cell.angle_alpha   90.000
_cell.angle_beta   107.340
_cell.angle_gamma   90.000
#
_symmetry.space_group_name_H-M   'P 1 21 1'
#
loop_
_entity.id
_entity.type
_entity.pdbx_description
1 polymer 'L-arabinose ABC transporter, periplasmic L-arabinose-binding protein'
2 non-polymer beta-D-galactopyranose
3 water water
#
_entity_poly.entity_id   1
_entity_poly.type   'polypeptide(L)'
_entity_poly.pdbx_seq_one_letter_code
;GPGSMGLRWLQAALVCTSLAAGLSAAAPARAQGAAPVKIGFVVKQPDDPWFQDEWRFAEQAAKDKHFTLVKIAAPSGEKV
STALDSLAAQKAQGVIICAPDVKLGPGIAAKAKRYGMKLMSVDDQLVDGRGAPLADVPHMGISAYRIGRQVGDAIAAEAK
RRGWNPAEVGVLRLAYDQLPTARERTTGAVDALKAAGFAAANVVDAPEMTADTEGAFNAANIAFTKHRNFRHWVAFGSND
DTTVGAVRAGEGRGIGTDDMIAVGINGSQVALNEFAKPKPTGFFGSILLNPRLHGYDTSVNMYDWITQNRTPPPLVLTSG
TLITRANEKTARAQLGL
;
_entity_poly.pdbx_strand_id   A
#
loop_
_chem_comp.id
_chem_comp.type
_chem_comp.name
_chem_comp.formula
GAL D-saccharide, beta linking beta-D-galactopyranose 'C6 H12 O6'
#
# COMPACT_ATOMS: atom_id res chain seq x y z
N VAL A 37 -20.06 -22.36 3.81
CA VAL A 37 -18.71 -21.85 3.41
C VAL A 37 -18.34 -20.65 4.27
N LYS A 38 -17.10 -20.65 4.74
CA LYS A 38 -16.56 -19.60 5.59
C LYS A 38 -15.15 -19.29 5.15
N ILE A 39 -14.88 -18.01 4.90
CA ILE A 39 -13.58 -17.54 4.41
C ILE A 39 -13.03 -16.50 5.36
N GLY A 40 -11.76 -16.67 5.73
CA GLY A 40 -11.04 -15.69 6.57
C GLY A 40 -10.41 -14.64 5.70
N PHE A 41 -10.36 -13.41 6.20
CA PHE A 41 -9.68 -12.31 5.51
C PHE A 41 -8.88 -11.56 6.57
N VAL A 42 -7.58 -11.81 6.57
CA VAL A 42 -6.68 -11.44 7.66
C VAL A 42 -5.78 -10.34 7.14
N VAL A 43 -5.72 -9.21 7.85
CA VAL A 43 -4.95 -8.05 7.39
C VAL A 43 -3.92 -7.54 8.39
N LYS A 44 -2.78 -7.07 7.88
CA LYS A 44 -1.71 -6.65 8.76
C LYS A 44 -2.00 -5.38 9.56
N GLN A 45 -2.82 -4.48 9.02
CA GLN A 45 -2.93 -3.10 9.53
C GLN A 45 -4.36 -2.59 9.42
N PRO A 46 -5.19 -2.90 10.41
CA PRO A 46 -6.61 -2.47 10.31
C PRO A 46 -6.81 -0.96 10.39
N ASP A 47 -5.80 -0.24 10.87
CA ASP A 47 -5.86 1.23 10.96
C ASP A 47 -5.42 1.90 9.65
N ASP A 48 -5.19 1.11 8.61
CA ASP A 48 -4.97 1.60 7.25
C ASP A 48 -6.30 1.38 6.50
N PRO A 49 -6.92 2.47 6.02
CA PRO A 49 -8.27 2.35 5.44
C PRO A 49 -8.30 1.50 4.19
N TRP A 50 -7.16 1.29 3.54
CA TRP A 50 -7.09 0.33 2.44
C TRP A 50 -7.62 -1.04 2.84
N PHE A 51 -7.25 -1.51 4.03
CA PHE A 51 -7.67 -2.83 4.46
C PHE A 51 -9.12 -2.82 4.88
N GLN A 52 -9.56 -1.71 5.42
CA GLN A 52 -10.99 -1.53 5.68
C GLN A 52 -11.78 -1.61 4.35
N ASP A 53 -11.21 -1.05 3.28
CA ASP A 53 -11.87 -1.10 1.98
C ASP A 53 -11.88 -2.51 1.42
N GLU A 54 -10.77 -3.22 1.55
CA GLU A 54 -10.78 -4.64 1.15
C GLU A 54 -11.87 -5.39 1.87
N TRP A 55 -11.97 -5.19 3.19
CA TRP A 55 -13.01 -5.86 4.00
C TRP A 55 -14.42 -5.55 3.56
N ARG A 56 -14.69 -4.28 3.23
CA ARG A 56 -16.03 -3.87 2.83
C ARG A 56 -16.42 -4.60 1.55
N PHE A 57 -15.49 -4.70 0.61
CA PHE A 57 -15.76 -5.40 -0.66
C PHE A 57 -15.79 -6.91 -0.52
N ALA A 58 -14.98 -7.45 0.39
CA ALA A 58 -15.06 -8.87 0.73
C ALA A 58 -16.42 -9.20 1.34
N GLU A 59 -16.98 -8.28 2.14
CA GLU A 59 -18.35 -8.44 2.67
C GLU A 59 -19.39 -8.46 1.57
N GLN A 60 -19.20 -7.64 0.54
CA GLN A 60 -20.11 -7.65 -0.60
C GLN A 60 -20.06 -9.01 -1.32
N ALA A 61 -18.86 -9.56 -1.44
CA ALA A 61 -18.66 -10.90 -2.02
C ALA A 61 -19.38 -11.97 -1.18
N ALA A 62 -19.31 -11.83 0.15
CA ALA A 62 -19.94 -12.77 1.08
C ALA A 62 -21.46 -12.79 0.88
N LYS A 63 -22.07 -11.60 0.87
CA LYS A 63 -23.50 -11.49 0.68
C LYS A 63 -23.89 -12.04 -0.69
N ASP A 64 -23.13 -11.69 -1.72
CA ASP A 64 -23.46 -12.09 -3.10
C ASP A 64 -23.35 -13.60 -3.30
N LYS A 65 -22.22 -14.18 -2.91
CA LYS A 65 -21.93 -15.61 -3.14
C LYS A 65 -22.43 -16.52 -2.01
N HIS A 66 -23.04 -15.94 -0.97
CA HIS A 66 -23.57 -16.68 0.17
C HIS A 66 -22.51 -17.46 0.96
N PHE A 67 -21.42 -16.79 1.33
CA PHE A 67 -20.49 -17.37 2.30
C PHE A 67 -20.39 -16.42 3.50
N THR A 68 -19.77 -16.90 4.57
CA THR A 68 -19.59 -16.13 5.80
C THR A 68 -18.16 -15.62 5.85
N LEU A 69 -17.99 -14.30 5.98
CA LEU A 69 -16.68 -13.70 6.08
C LEU A 69 -16.28 -13.55 7.54
N VAL A 70 -15.04 -13.94 7.86
CA VAL A 70 -14.47 -13.69 9.17
C VAL A 70 -13.28 -12.75 9.01
N LYS A 71 -13.44 -11.54 9.54
CA LYS A 71 -12.42 -10.48 9.42
C LYS A 71 -11.54 -10.44 10.66
N ILE A 72 -10.22 -10.59 10.46
CA ILE A 72 -9.28 -10.61 11.60
C ILE A 72 -8.06 -9.72 11.31
N ALA A 73 -7.71 -8.90 12.29
CA ALA A 73 -6.50 -8.08 12.25
C ALA A 73 -5.36 -8.89 12.87
N ALA A 74 -4.23 -8.90 12.18
CA ALA A 74 -3.06 -9.62 12.68
C ALA A 74 -1.79 -8.84 12.34
N PRO A 75 -1.42 -7.88 13.22
CA PRO A 75 -0.25 -7.03 12.93
C PRO A 75 1.11 -7.61 13.29
N SER A 76 1.12 -8.86 13.74
CA SER A 76 2.35 -9.54 14.14
C SER A 76 2.19 -11.02 13.88
N GLY A 77 3.33 -11.72 13.81
CA GLY A 77 3.34 -13.15 13.63
C GLY A 77 2.54 -13.89 14.70
N GLU A 78 2.70 -13.49 15.95
CA GLU A 78 1.93 -14.06 17.06
C GLU A 78 0.41 -14.02 16.75
N LYS A 79 -0.07 -12.87 16.27
CA LYS A 79 -1.50 -12.67 15.99
C LYS A 79 -1.95 -13.36 14.69
N VAL A 80 -1.03 -13.54 13.73
CA VAL A 80 -1.34 -14.36 12.55
C VAL A 80 -1.62 -15.81 12.98
N SER A 81 -0.76 -16.35 13.84
CA SER A 81 -0.93 -17.71 14.32
C SER A 81 -2.28 -17.88 15.03
N THR A 82 -2.63 -16.93 15.88
CA THR A 82 -3.90 -17.04 16.59
CA THR A 82 -3.90 -16.94 16.62
C THR A 82 -5.07 -16.80 15.65
N ALA A 83 -4.87 -16.00 14.60
CA ALA A 83 -5.95 -15.78 13.64
C ALA A 83 -6.29 -17.08 12.91
N LEU A 84 -5.27 -17.80 12.50
CA LEU A 84 -5.48 -19.05 11.79
C LEU A 84 -6.09 -20.10 12.71
N ASP A 85 -5.69 -20.12 13.99
CA ASP A 85 -6.31 -21.01 14.97
C ASP A 85 -7.80 -20.70 15.08
N SER A 86 -8.13 -19.42 15.16
CA SER A 86 -9.54 -19.01 15.31
C SER A 86 -10.36 -19.43 14.10
N LEU A 87 -9.79 -19.25 12.91
CA LEU A 87 -10.45 -19.63 11.68
C LEU A 87 -10.70 -21.13 11.62
N ALA A 88 -9.73 -21.92 12.08
CA ALA A 88 -9.90 -23.37 12.14
C ALA A 88 -10.98 -23.78 13.16
N ALA A 89 -11.00 -23.10 14.31
CA ALA A 89 -12.04 -23.34 15.32
C ALA A 89 -13.44 -23.07 14.76
N GLN A 90 -13.52 -22.07 13.89
CA GLN A 90 -14.79 -21.68 13.26
C GLN A 90 -15.09 -22.48 11.98
N LYS A 91 -14.22 -23.41 11.63
CA LYS A 91 -14.39 -24.30 10.46
C LYS A 91 -14.40 -23.55 9.12
N ALA A 92 -13.52 -22.55 9.00
CA ALA A 92 -13.33 -21.89 7.72
C ALA A 92 -12.65 -22.83 6.76
N GLN A 93 -13.00 -22.74 5.47
CA GLN A 93 -12.35 -23.57 4.45
C GLN A 93 -11.31 -22.81 3.63
N GLY A 94 -11.15 -21.52 3.89
CA GLY A 94 -10.13 -20.76 3.21
C GLY A 94 -9.77 -19.49 3.94
N VAL A 95 -8.58 -18.96 3.63
CA VAL A 95 -8.12 -17.69 4.20
C VAL A 95 -7.34 -16.89 3.13
N ILE A 96 -7.66 -15.59 3.08
CA ILE A 96 -6.92 -14.62 2.29
C ILE A 96 -6.18 -13.74 3.30
N ILE A 97 -4.90 -13.54 3.09
CA ILE A 97 -4.10 -12.84 4.11
C ILE A 97 -3.12 -11.84 3.50
N CYS A 98 -3.03 -10.66 4.12
CA CYS A 98 -1.91 -9.75 3.91
C CYS A 98 -1.12 -9.80 5.19
N ALA A 99 -0.05 -10.59 5.20
CA ALA A 99 0.71 -10.83 6.40
C ALA A 99 1.54 -9.61 6.78
N PRO A 100 1.88 -9.47 8.07
CA PRO A 100 2.67 -8.35 8.54
C PRO A 100 4.16 -8.55 8.28
N ASP A 101 4.54 -9.79 7.98
CA ASP A 101 5.91 -10.18 7.69
C ASP A 101 5.81 -11.30 6.66
N VAL A 102 6.20 -11.01 5.42
CA VAL A 102 6.03 -11.98 4.33
C VAL A 102 6.86 -13.25 4.53
N LYS A 103 7.90 -13.16 5.37
CA LYS A 103 8.72 -14.34 5.69
C LYS A 103 8.04 -15.36 6.61
N LEU A 104 6.85 -15.02 7.11
CA LEU A 104 5.96 -15.98 7.80
C LEU A 104 5.33 -17.01 6.85
N GLY A 105 5.49 -16.81 5.54
CA GLY A 105 4.90 -17.68 4.49
C GLY A 105 4.84 -19.18 4.78
N PRO A 106 6.01 -19.81 4.97
CA PRO A 106 6.02 -21.26 5.18
C PRO A 106 5.18 -21.73 6.37
N GLY A 107 5.29 -21.05 7.51
CA GLY A 107 4.45 -21.38 8.65
C GLY A 107 2.97 -21.22 8.41
N ILE A 108 2.59 -20.14 7.72
CA ILE A 108 1.21 -19.89 7.36
C ILE A 108 0.69 -21.03 6.48
N ALA A 109 1.49 -21.41 5.49
CA ALA A 109 1.10 -22.44 4.55
C ALA A 109 0.93 -23.77 5.27
N ALA A 110 1.86 -24.08 6.16
CA ALA A 110 1.80 -25.35 6.88
C ALA A 110 0.56 -25.44 7.76
N LYS A 111 0.25 -24.36 8.47
CA LYS A 111 -0.93 -24.38 9.34
C LYS A 111 -2.22 -24.45 8.55
N ALA A 112 -2.32 -23.67 7.47
CA ALA A 112 -3.52 -23.68 6.64
C ALA A 112 -3.77 -25.10 6.13
N LYS A 113 -2.71 -25.77 5.71
CA LYS A 113 -2.79 -27.14 5.19
C LYS A 113 -3.27 -28.10 6.29
N ARG A 114 -2.67 -28.01 7.47
CA ARG A 114 -3.08 -28.82 8.62
C ARG A 114 -4.57 -28.67 8.92
N TYR A 115 -5.06 -27.43 8.83
CA TYR A 115 -6.42 -27.09 9.21
C TYR A 115 -7.42 -27.17 8.05
N GLY A 116 -6.99 -27.62 6.88
CA GLY A 116 -7.88 -27.75 5.73
C GLY A 116 -8.41 -26.42 5.20
N MET A 117 -7.55 -25.41 5.17
CA MET A 117 -7.91 -24.10 4.66
C MET A 117 -7.08 -23.81 3.42
N LYS A 118 -7.72 -23.54 2.29
CA LYS A 118 -7.00 -23.05 1.12
C LYS A 118 -6.45 -21.67 1.45
N LEU A 119 -5.28 -21.37 0.90
CA LEU A 119 -4.52 -20.16 1.25
C LEU A 119 -4.24 -19.30 0.02
N MET A 120 -4.60 -18.01 0.14
CA MET A 120 -4.36 -16.98 -0.87
C MET A 120 -3.77 -15.74 -0.19
N SER A 121 -2.88 -15.05 -0.88
CA SER A 121 -2.31 -13.80 -0.36
C SER A 121 -2.82 -12.60 -1.13
N VAL A 122 -2.84 -11.47 -0.46
CA VAL A 122 -3.23 -10.20 -1.08
C VAL A 122 -2.24 -9.13 -0.62
N ASP A 123 -1.89 -8.26 -1.55
CA ASP A 123 -1.00 -7.11 -1.39
C ASP A 123 0.46 -7.47 -1.25
N ASP A 124 0.79 -8.22 -0.20
CA ASP A 124 2.16 -8.51 0.16
C ASP A 124 2.39 -10.00 -0.04
N GLN A 125 3.22 -10.36 -1.02
CA GLN A 125 3.38 -11.75 -1.42
C GLN A 125 4.23 -12.52 -0.44
N LEU A 126 3.77 -13.71 -0.05
CA LEU A 126 4.50 -14.54 0.92
C LEU A 126 5.76 -15.12 0.26
N VAL A 127 6.83 -15.26 1.03
CA VAL A 127 8.13 -15.73 0.51
C VAL A 127 8.77 -16.73 1.44
N ASP A 128 9.71 -17.48 0.90
CA ASP A 128 10.47 -18.46 1.68
C ASP A 128 11.73 -17.83 2.28
N GLY A 129 12.58 -18.66 2.87
CA GLY A 129 13.74 -18.18 3.62
C GLY A 129 14.83 -17.53 2.79
N ARG A 130 14.79 -17.71 1.47
CA ARG A 130 15.67 -17.00 0.54
C ARG A 130 15.02 -15.83 -0.16
N GLY A 131 13.79 -15.50 0.25
CA GLY A 131 13.04 -14.41 -0.32
C GLY A 131 12.36 -14.72 -1.65
N ALA A 132 12.27 -15.99 -2.01
CA ALA A 132 11.57 -16.40 -3.24
C ALA A 132 10.07 -16.52 -2.99
N PRO A 133 9.22 -15.97 -3.88
CA PRO A 133 7.78 -16.14 -3.67
C PRO A 133 7.31 -17.59 -3.53
N LEU A 134 6.31 -17.83 -2.68
CA LEU A 134 5.71 -19.16 -2.56
C LEU A 134 4.91 -19.48 -3.83
N ALA A 135 5.38 -20.47 -4.59
CA ALA A 135 4.80 -20.75 -5.91
C ALA A 135 3.36 -21.29 -5.88
N ASP A 136 2.96 -21.91 -4.77
CA ASP A 136 1.66 -22.56 -4.64
C ASP A 136 0.58 -21.66 -4.00
N VAL A 137 0.92 -20.40 -3.77
CA VAL A 137 -0.03 -19.48 -3.15
C VAL A 137 -0.46 -18.45 -4.18
N PRO A 138 -1.74 -18.49 -4.57
CA PRO A 138 -2.20 -17.48 -5.51
C PRO A 138 -2.16 -16.11 -4.84
N HIS A 139 -1.76 -15.12 -5.60
CA HIS A 139 -1.51 -13.78 -5.08
C HIS A 139 -2.17 -12.70 -5.93
N MET A 140 -2.67 -11.67 -5.28
CA MET A 140 -3.09 -10.46 -5.97
C MET A 140 -2.43 -9.27 -5.31
N GLY A 141 -1.73 -8.47 -6.10
CA GLY A 141 -1.14 -7.22 -5.61
C GLY A 141 -1.15 -6.19 -6.69
N ILE A 142 -0.45 -5.09 -6.46
CA ILE A 142 -0.40 -4.03 -7.44
C ILE A 142 0.83 -4.19 -8.34
N SER A 143 0.77 -3.61 -9.54
CA SER A 143 1.93 -3.55 -10.43
C SER A 143 2.88 -2.46 -9.93
N ALA A 144 3.69 -2.83 -8.94
CA ALA A 144 4.32 -1.86 -8.05
C ALA A 144 5.28 -0.89 -8.73
N TYR A 145 6.14 -1.41 -9.61
CA TYR A 145 7.07 -0.56 -10.30
C TYR A 145 6.36 0.45 -11.18
N ARG A 146 5.37 0.00 -11.95
CA ARG A 146 4.62 0.90 -12.82
C ARG A 146 3.84 1.94 -12.03
N ILE A 147 3.30 1.54 -10.87
CA ILE A 147 2.59 2.46 -9.98
CA ILE A 147 2.59 2.50 -10.05
C ILE A 147 3.56 3.53 -9.49
N GLY A 148 4.72 3.10 -9.05
CA GLY A 148 5.77 4.04 -8.69
C GLY A 148 6.11 5.03 -9.80
N ARG A 149 6.25 4.53 -11.04
CA ARG A 149 6.47 5.45 -12.15
C ARG A 149 5.38 6.51 -12.24
N GLN A 150 4.13 6.09 -12.07
CA GLN A 150 3.01 7.04 -12.04
C GLN A 150 3.15 8.07 -10.92
N VAL A 151 3.60 7.64 -9.76
CA VAL A 151 3.85 8.59 -8.67
C VAL A 151 4.87 9.66 -9.09
N GLY A 152 6.00 9.22 -9.62
CA GLY A 152 7.04 10.13 -10.02
C GLY A 152 6.61 11.05 -11.15
N ASP A 153 5.84 10.51 -12.11
CA ASP A 153 5.36 11.33 -13.21
C ASP A 153 4.43 12.43 -12.72
N ALA A 154 3.54 12.07 -11.79
CA ALA A 154 2.58 13.02 -11.18
C ALA A 154 3.34 14.15 -10.50
N ILE A 155 4.36 13.77 -9.73
CA ILE A 155 5.14 14.75 -9.00
C ILE A 155 5.87 15.66 -9.99
N ALA A 156 6.52 15.09 -11.00
CA ALA A 156 7.28 15.86 -12.00
C ALA A 156 6.38 16.86 -12.73
N ALA A 157 5.17 16.42 -13.07
CA ALA A 157 4.23 17.30 -13.78
C ALA A 157 3.80 18.50 -12.95
N GLU A 158 3.59 18.30 -11.65
CA GLU A 158 3.15 19.41 -10.79
C GLU A 158 4.33 20.34 -10.53
N ALA A 159 5.52 19.77 -10.35
CA ALA A 159 6.71 20.60 -10.19
C ALA A 159 6.90 21.50 -11.41
N LYS A 160 6.72 20.94 -12.60
CA LYS A 160 6.83 21.68 -13.84
C LYS A 160 5.79 22.77 -13.92
N ARG A 161 4.53 22.46 -13.56
CA ARG A 161 3.48 23.47 -13.55
C ARG A 161 3.87 24.67 -12.67
N ARG A 162 4.54 24.41 -11.55
CA ARG A 162 4.98 25.46 -10.61
C ARG A 162 6.24 26.20 -11.04
N GLY A 163 6.89 25.73 -12.09
CA GLY A 163 8.12 26.35 -12.58
C GLY A 163 9.35 26.01 -11.78
N TRP A 164 9.27 24.93 -11.02
CA TRP A 164 10.39 24.47 -10.22
C TRP A 164 11.53 24.04 -11.13
N ASN A 165 12.76 24.31 -10.73
CA ASN A 165 13.93 23.74 -11.39
C ASN A 165 14.17 22.35 -10.81
N PRO A 166 13.92 21.28 -11.59
CA PRO A 166 13.97 19.94 -11.00
C PRO A 166 15.35 19.53 -10.52
N ALA A 167 16.38 20.09 -11.12
CA ALA A 167 17.75 19.79 -10.73
C ALA A 167 18.12 20.30 -9.33
N GLU A 168 17.30 21.15 -8.74
CA GLU A 168 17.58 21.73 -7.43
C GLU A 168 16.64 21.23 -6.33
N VAL A 169 15.76 20.29 -6.67
CA VAL A 169 14.71 19.85 -5.74
C VAL A 169 15.18 18.65 -4.90
N GLY A 170 14.93 18.73 -3.59
CA GLY A 170 15.18 17.60 -2.71
C GLY A 170 14.16 16.50 -2.98
N VAL A 171 14.64 15.26 -3.06
CA VAL A 171 13.80 14.09 -3.34
C VAL A 171 13.82 13.19 -2.10
N LEU A 172 12.72 13.24 -1.34
CA LEU A 172 12.61 12.45 -0.12
C LEU A 172 12.01 11.07 -0.41
N ARG A 173 12.83 10.04 -0.35
CA ARG A 173 12.38 8.67 -0.58
C ARG A 173 12.17 7.95 0.75
N LEU A 174 10.91 7.84 1.15
CA LEU A 174 10.57 7.09 2.36
C LEU A 174 10.71 5.62 2.06
N ALA A 175 11.63 4.94 2.74
CA ALA A 175 12.03 3.61 2.32
C ALA A 175 11.67 2.54 3.32
N TYR A 176 11.15 1.43 2.82
CA TYR A 176 10.94 0.23 3.61
C TYR A 176 11.34 -0.92 2.69
N ASP A 177 12.63 -0.92 2.36
CA ASP A 177 13.15 -1.75 1.28
C ASP A 177 13.15 -3.23 1.57
N GLN A 178 12.93 -3.62 2.82
CA GLN A 178 12.84 -5.05 3.16
C GLN A 178 11.60 -5.74 2.58
N LEU A 179 10.60 -4.95 2.17
CA LEU A 179 9.41 -5.52 1.54
C LEU A 179 9.43 -5.23 0.04
N PRO A 180 9.52 -6.29 -0.81
CA PRO A 180 9.66 -6.04 -2.24
C PRO A 180 8.66 -5.06 -2.84
N THR A 181 7.37 -5.18 -2.52
CA THR A 181 6.41 -4.28 -3.16
C THR A 181 6.69 -2.84 -2.76
N ALA A 182 7.11 -2.61 -1.52
CA ALA A 182 7.45 -1.25 -1.12
C ALA A 182 8.69 -0.73 -1.84
N ARG A 183 9.72 -1.57 -1.95
CA ARG A 183 10.92 -1.20 -2.67
C ARG A 183 10.62 -0.87 -4.12
N GLU A 184 9.77 -1.66 -4.76
CA GLU A 184 9.46 -1.44 -6.18
C GLU A 184 8.70 -0.13 -6.40
N ARG A 185 7.79 0.20 -5.49
CA ARG A 185 7.03 1.45 -5.57
C ARG A 185 7.95 2.64 -5.50
N THR A 186 8.92 2.64 -4.57
CA THR A 186 9.80 3.80 -4.43
C THR A 186 10.84 3.87 -5.53
N THR A 187 11.33 2.73 -5.99
CA THR A 187 12.25 2.66 -7.12
C THR A 187 11.61 3.24 -8.38
N GLY A 188 10.35 2.88 -8.64
CA GLY A 188 9.66 3.44 -9.80
C GLY A 188 9.53 4.94 -9.72
N ALA A 189 9.18 5.44 -8.53
CA ALA A 189 9.04 6.88 -8.36
C ALA A 189 10.37 7.59 -8.58
N VAL A 190 11.44 7.07 -7.99
CA VAL A 190 12.75 7.68 -8.20
C VAL A 190 13.15 7.66 -9.69
N ASP A 191 12.92 6.53 -10.35
CA ASP A 191 13.32 6.38 -11.75
C ASP A 191 12.57 7.37 -12.61
N ALA A 192 11.26 7.50 -12.37
CA ALA A 192 10.48 8.49 -13.13
C ALA A 192 10.97 9.93 -12.86
N LEU A 193 11.36 10.22 -11.63
CA LEU A 193 11.83 11.56 -11.30
C LEU A 193 13.19 11.85 -11.97
N LYS A 194 14.11 10.88 -11.93
CA LYS A 194 15.39 11.07 -12.61
C LYS A 194 15.19 11.27 -14.11
N ALA A 195 14.23 10.56 -14.69
CA ALA A 195 13.91 10.68 -16.14
C ALA A 195 13.35 12.05 -16.48
N ALA A 196 12.86 12.77 -15.47
CA ALA A 196 12.28 14.09 -15.61
C ALA A 196 13.25 15.19 -15.20
N GLY A 197 14.49 14.83 -14.92
CA GLY A 197 15.51 15.83 -14.65
C GLY A 197 15.83 16.12 -13.20
N PHE A 198 15.22 15.36 -12.29
CA PHE A 198 15.61 15.44 -10.88
C PHE A 198 16.95 14.75 -10.74
N ALA A 199 17.77 15.26 -9.83
CA ALA A 199 19.18 14.84 -9.72
C ALA A 199 19.35 13.66 -8.77
N ALA A 200 20.11 12.67 -9.23
CA ALA A 200 20.40 11.50 -8.42
C ALA A 200 21.05 11.92 -7.10
N ALA A 201 21.89 12.94 -7.15
CA ALA A 201 22.58 13.44 -5.97
C ALA A 201 21.66 14.04 -4.92
N ASN A 202 20.44 14.42 -5.34
CA ASN A 202 19.44 15.02 -4.47
C ASN A 202 18.39 14.02 -3.94
N VAL A 203 18.60 12.74 -4.20
CA VAL A 203 17.73 11.69 -3.65
C VAL A 203 18.18 11.38 -2.24
N VAL A 204 17.31 11.64 -1.27
CA VAL A 204 17.60 11.45 0.14
C VAL A 204 16.82 10.25 0.64
N ASP A 205 17.52 9.18 0.93
CA ASP A 205 16.88 8.00 1.49
C ASP A 205 16.49 8.25 2.95
N ALA A 206 15.25 7.90 3.27
CA ALA A 206 14.69 8.06 4.61
C ALA A 206 14.12 6.70 5.04
N PRO A 207 15.00 5.80 5.51
CA PRO A 207 14.59 4.46 5.90
C PRO A 207 13.71 4.46 7.15
N GLU A 208 12.60 3.74 7.07
CA GLU A 208 11.58 3.69 8.12
C GLU A 208 11.73 2.48 9.04
N MET A 209 11.51 2.66 10.33
CA MET A 209 11.54 1.54 11.26
CA MET A 209 11.54 1.53 11.24
C MET A 209 10.31 0.67 11.05
N THR A 210 9.18 1.34 10.79
CA THR A 210 7.89 0.69 10.53
C THR A 210 7.27 1.39 9.32
N ALA A 211 6.55 0.64 8.50
CA ALA A 211 5.96 1.15 7.28
C ALA A 211 4.57 1.70 7.60
N ASP A 212 4.57 2.82 8.31
CA ASP A 212 3.32 3.43 8.76
C ASP A 212 3.56 4.92 8.98
N THR A 213 2.54 5.68 9.35
CA THR A 213 2.70 7.12 9.42
C THR A 213 3.77 7.48 10.46
N GLU A 214 3.75 6.82 11.61
CA GLU A 214 4.74 7.10 12.66
CA GLU A 214 4.73 7.10 12.65
C GLU A 214 6.16 6.88 12.14
N GLY A 215 6.38 5.74 11.49
CA GLY A 215 7.71 5.44 10.94
C GLY A 215 8.19 6.46 9.93
N ALA A 216 7.29 6.88 9.05
CA ALA A 216 7.59 7.87 8.06
C ALA A 216 7.87 9.24 8.68
N PHE A 217 7.03 9.65 9.64
CA PHE A 217 7.17 10.93 10.33
C PHE A 217 8.58 11.01 10.93
N ASN A 218 8.97 9.96 11.64
CA ASN A 218 10.31 9.94 12.25
C ASN A 218 11.44 9.92 11.24
N ALA A 219 11.31 9.10 10.21
CA ALA A 219 12.35 9.05 9.19
C ALA A 219 12.48 10.36 8.43
N ALA A 220 11.36 11.00 8.13
CA ALA A 220 11.40 12.27 7.38
C ALA A 220 12.10 13.35 8.18
N ASN A 221 11.79 13.43 9.48
CA ASN A 221 12.39 14.44 10.33
C ASN A 221 13.92 14.29 10.39
N ILE A 222 14.39 13.05 10.43
CA ILE A 222 15.83 12.80 10.41
C ILE A 222 16.44 13.34 9.10
N ALA A 223 15.76 13.10 7.99
CA ALA A 223 16.25 13.53 6.69
C ALA A 223 16.23 15.05 6.54
N PHE A 224 15.13 15.68 6.96
CA PHE A 224 15.04 17.15 6.85
C PHE A 224 16.13 17.82 7.65
N THR A 225 16.40 17.32 8.84
CA THR A 225 17.49 17.88 9.64
C THR A 225 18.85 17.85 8.94
N LYS A 226 19.16 16.77 8.24
CA LYS A 226 20.44 16.68 7.52
C LYS A 226 20.51 17.48 6.24
N HIS A 227 19.36 17.80 5.64
CA HIS A 227 19.34 18.43 4.32
C HIS A 227 18.58 19.74 4.33
N ARG A 228 19.03 20.65 5.18
CA ARG A 228 18.40 21.97 5.31
C ARG A 228 18.69 22.88 4.10
N ASN A 229 19.54 22.42 3.19
CA ASN A 229 19.92 23.15 1.97
C ASN A 229 18.81 23.30 0.91
N PHE A 230 17.86 22.37 0.89
CA PHE A 230 16.81 22.37 -0.12
C PHE A 230 15.69 23.34 0.24
N ARG A 231 15.23 24.10 -0.74
CA ARG A 231 14.07 24.96 -0.55
C ARG A 231 12.80 24.21 -0.94
N HIS A 232 12.88 23.49 -2.05
CA HIS A 232 11.77 22.72 -2.56
C HIS A 232 12.01 21.25 -2.35
N TRP A 233 10.93 20.55 -1.99
CA TRP A 233 10.96 19.10 -1.79
C TRP A 233 9.85 18.38 -2.51
N VAL A 234 10.13 17.12 -2.86
CA VAL A 234 9.08 16.17 -3.23
C VAL A 234 9.24 14.95 -2.33
N ALA A 235 8.15 14.23 -2.14
CA ALA A 235 8.19 13.10 -1.23
C ALA A 235 7.21 12.04 -1.65
N PHE A 236 7.52 10.80 -1.29
CA PHE A 236 6.67 9.67 -1.60
C PHE A 236 7.15 8.50 -0.78
N GLY A 237 6.27 7.53 -0.61
CA GLY A 237 6.62 6.32 0.09
C GLY A 237 6.05 5.09 -0.56
N SER A 238 5.57 4.18 0.26
CA SER A 238 4.94 2.98 -0.22
C SER A 238 3.42 3.12 -0.31
N ASN A 239 2.87 4.09 0.42
CA ASN A 239 1.42 4.28 0.47
C ASN A 239 1.08 5.68 0.97
N ASP A 240 -0.22 5.98 1.02
CA ASP A 240 -0.68 7.27 1.53
C ASP A 240 -0.22 7.52 2.98
N ASP A 241 -0.30 6.48 3.80
CA ASP A 241 0.00 6.63 5.22
C ASP A 241 1.42 7.09 5.47
N THR A 242 2.37 6.45 4.81
CA THR A 242 3.77 6.81 4.93
C THR A 242 3.99 8.19 4.32
N THR A 243 3.46 8.43 3.13
CA THR A 243 3.59 9.73 2.48
C THR A 243 3.15 10.87 3.36
N VAL A 244 2.00 10.70 4.01
CA VAL A 244 1.44 11.76 4.89
CA VAL A 244 1.48 11.81 4.84
C VAL A 244 2.37 12.01 6.07
N GLY A 245 3.03 10.96 6.54
CA GLY A 245 4.02 11.16 7.61
C GLY A 245 5.09 12.18 7.25
N ALA A 246 5.59 12.11 6.01
CA ALA A 246 6.57 13.08 5.53
C ALA A 246 5.97 14.49 5.40
N VAL A 247 4.71 14.56 4.97
CA VAL A 247 4.04 15.85 4.82
C VAL A 247 3.91 16.50 6.21
N ARG A 248 3.48 15.73 7.21
CA ARG A 248 3.39 16.25 8.57
C ARG A 248 4.75 16.68 9.11
N ALA A 249 5.78 15.88 8.86
CA ALA A 249 7.11 16.23 9.33
C ALA A 249 7.56 17.55 8.69
N GLY A 250 7.34 17.69 7.38
CA GLY A 250 7.71 18.92 6.69
C GLY A 250 7.01 20.12 7.29
N GLU A 251 5.72 19.99 7.56
CA GLU A 251 4.97 21.09 8.12
C GLU A 251 5.58 21.58 9.44
N GLY A 252 6.02 20.64 10.27
CA GLY A 252 6.67 20.95 11.54
C GLY A 252 7.99 21.70 11.39
N ARG A 253 8.60 21.61 10.20
CA ARG A 253 9.86 22.30 9.90
C ARG A 253 9.76 23.47 8.92
N GLY A 254 8.56 24.02 8.74
CA GLY A 254 8.38 25.15 7.85
C GLY A 254 8.43 24.82 6.37
N ILE A 255 8.25 23.55 6.02
CA ILE A 255 8.12 23.12 4.62
C ILE A 255 6.65 22.82 4.38
N GLY A 256 5.92 23.83 3.94
CA GLY A 256 4.50 23.70 3.70
C GLY A 256 4.15 23.45 2.25
N THR A 257 2.89 23.67 1.94
CA THR A 257 2.36 23.23 0.66
CA THR A 257 2.28 23.31 0.65
C THR A 257 3.02 23.86 -0.56
N ASP A 258 3.48 25.10 -0.47
CA ASP A 258 4.13 25.70 -1.62
C ASP A 258 5.50 25.11 -1.95
N ASP A 259 6.13 24.48 -0.95
CA ASP A 259 7.48 23.96 -1.07
C ASP A 259 7.56 22.46 -1.02
N MET A 260 6.40 21.79 -1.01
CA MET A 260 6.33 20.32 -0.93
C MET A 260 5.32 19.75 -1.92
N ILE A 261 5.76 18.82 -2.76
CA ILE A 261 4.82 18.04 -3.59
C ILE A 261 4.98 16.56 -3.22
N ALA A 262 3.96 16.01 -2.58
CA ALA A 262 3.97 14.63 -2.13
C ALA A 262 2.83 13.88 -2.77
N VAL A 263 3.11 12.67 -3.25
CA VAL A 263 2.08 11.85 -3.89
C VAL A 263 2.15 10.45 -3.30
N GLY A 264 1.01 9.97 -2.83
CA GLY A 264 0.90 8.66 -2.23
C GLY A 264 0.41 7.59 -3.17
N ILE A 265 0.13 6.43 -2.57
CA ILE A 265 -0.48 5.27 -3.23
C ILE A 265 -1.60 4.75 -2.33
N ASN A 266 -2.77 4.55 -2.93
CA ASN A 266 -3.99 3.87 -2.44
C ASN A 266 -5.23 4.65 -2.85
N GLY A 267 -5.22 5.94 -2.57
CA GLY A 267 -6.36 6.79 -2.87
C GLY A 267 -7.57 6.56 -1.98
N SER A 268 -7.32 5.96 -0.80
CA SER A 268 -8.34 5.70 0.21
C SER A 268 -8.41 6.86 1.22
N GLN A 269 -8.92 6.59 2.41
CA GLN A 269 -9.32 7.68 3.30
C GLN A 269 -8.20 8.59 3.79
N VAL A 270 -6.96 8.12 3.82
CA VAL A 270 -5.87 9.00 4.19
C VAL A 270 -5.67 10.09 3.12
N ALA A 271 -5.79 9.72 1.84
CA ALA A 271 -5.70 10.69 0.75
C ALA A 271 -6.88 11.63 0.84
N LEU A 272 -8.06 11.06 1.02
CA LEU A 272 -9.29 11.85 1.02
C LEU A 272 -9.31 12.84 2.18
N ASN A 273 -8.74 12.47 3.32
CA ASN A 273 -8.67 13.40 4.46
C ASN A 273 -7.81 14.61 4.10
N GLU A 274 -6.69 14.38 3.40
CA GLU A 274 -5.88 15.52 2.95
C GLU A 274 -6.60 16.37 1.93
N PHE A 275 -7.33 15.75 1.01
CA PHE A 275 -8.02 16.49 -0.05
C PHE A 275 -9.20 17.34 0.48
N ALA A 276 -9.77 16.92 1.61
CA ALA A 276 -10.92 17.61 2.17
C ALA A 276 -10.51 18.80 3.04
N LYS A 277 -9.23 18.94 3.37
CA LYS A 277 -8.85 20.03 4.28
C LYS A 277 -9.12 21.40 3.67
N PRO A 278 -9.64 22.35 4.48
CA PRO A 278 -9.98 23.65 3.93
C PRO A 278 -8.79 24.38 3.31
N LYS A 279 -7.60 24.20 3.88
CA LYS A 279 -6.36 24.70 3.30
C LYS A 279 -5.62 23.49 2.74
N PRO A 280 -5.33 23.49 1.43
CA PRO A 280 -4.57 22.37 0.89
C PRO A 280 -3.22 22.18 1.57
N THR A 281 -2.80 20.93 1.69
CA THR A 281 -1.53 20.54 2.26
C THR A 281 -0.61 20.07 1.14
N GLY A 282 0.62 19.79 1.51
CA GLY A 282 1.63 19.26 0.61
C GLY A 282 1.35 17.88 0.06
N PHE A 283 0.33 17.20 0.60
CA PHE A 283 -0.16 15.97 -0.01
C PHE A 283 -1.00 16.35 -1.23
N PHE A 284 -0.37 16.23 -2.41
CA PHE A 284 -0.89 16.77 -3.64
C PHE A 284 -1.80 15.76 -4.35
N GLY A 285 -1.42 14.50 -4.30
CA GLY A 285 -2.19 13.50 -5.04
C GLY A 285 -1.89 12.10 -4.55
N SER A 286 -2.58 11.12 -5.16
CA SER A 286 -2.38 9.72 -4.82
C SER A 286 -2.69 8.84 -6.00
N ILE A 287 -2.04 7.68 -6.11
CA ILE A 287 -2.44 6.73 -7.15
C ILE A 287 -3.57 5.88 -6.59
N LEU A 288 -4.75 6.09 -7.15
CA LEU A 288 -5.95 5.41 -6.73
C LEU A 288 -5.88 3.95 -7.17
N LEU A 289 -5.93 3.06 -6.20
CA LEU A 289 -6.06 1.62 -6.42
C LEU A 289 -7.51 1.16 -6.33
N ASN A 290 -7.72 -0.12 -6.68
CA ASN A 290 -9.07 -0.67 -6.75
C ASN A 290 -9.32 -1.77 -5.71
N PRO A 291 -9.89 -1.41 -4.54
CA PRO A 291 -10.03 -2.42 -3.50
C PRO A 291 -11.16 -3.41 -3.78
N ARG A 292 -11.99 -3.13 -4.80
CA ARG A 292 -12.93 -4.15 -5.25
C ARG A 292 -12.19 -5.37 -5.80
N LEU A 293 -11.12 -5.13 -6.55
CA LEU A 293 -10.32 -6.24 -7.08
C LEU A 293 -9.67 -7.00 -5.91
N HIS A 294 -9.03 -6.28 -5.00
CA HIS A 294 -8.32 -6.92 -3.89
C HIS A 294 -9.19 -7.51 -2.80
N GLY A 295 -10.44 -7.07 -2.69
CA GLY A 295 -11.38 -7.55 -1.67
C GLY A 295 -12.47 -8.45 -2.22
N TYR A 296 -13.12 -8.02 -3.30
CA TYR A 296 -14.24 -8.79 -3.85
C TYR A 296 -13.72 -9.91 -4.75
N ASP A 297 -12.83 -9.60 -5.70
CA ASP A 297 -12.38 -10.63 -6.68
C ASP A 297 -11.53 -11.71 -6.04
N THR A 298 -10.70 -11.35 -5.08
CA THR A 298 -9.95 -12.36 -4.36
C THR A 298 -10.92 -13.30 -3.63
N SER A 299 -11.93 -12.74 -2.99
CA SER A 299 -12.87 -13.55 -2.20
C SER A 299 -13.66 -14.49 -3.13
N VAL A 300 -14.03 -14.01 -4.31
CA VAL A 300 -14.70 -14.88 -5.29
C VAL A 300 -13.77 -15.98 -5.81
N ASN A 301 -12.52 -15.63 -6.11
CA ASN A 301 -11.54 -16.61 -6.53
C ASN A 301 -11.40 -17.69 -5.47
N MET A 302 -11.30 -17.29 -4.20
CA MET A 302 -11.27 -18.25 -3.09
C MET A 302 -12.55 -19.09 -3.01
N TYR A 303 -13.71 -18.46 -3.05
CA TYR A 303 -15.00 -19.15 -3.02
C TYR A 303 -15.07 -20.24 -4.08
N ASP A 304 -14.74 -19.87 -5.32
CA ASP A 304 -14.80 -20.81 -6.45
C ASP A 304 -13.75 -21.91 -6.31
N TRP A 305 -12.62 -21.59 -5.70
CA TRP A 305 -11.57 -22.58 -5.43
C TRP A 305 -12.07 -23.64 -4.44
N ILE A 306 -12.72 -23.18 -3.38
CA ILE A 306 -13.31 -24.06 -2.37
C ILE A 306 -14.44 -24.92 -2.94
N THR A 307 -15.38 -24.27 -3.62
CA THR A 307 -16.65 -24.93 -3.98
C THR A 307 -16.64 -25.69 -5.31
N GLN A 308 -15.80 -25.28 -6.26
CA GLN A 308 -15.73 -25.94 -7.56
C GLN A 308 -14.33 -26.44 -7.92
N ASN A 309 -13.39 -26.29 -7.00
CA ASN A 309 -11.98 -26.61 -7.25
C ASN A 309 -11.42 -25.93 -8.50
N ARG A 310 -11.86 -24.71 -8.77
CA ARG A 310 -11.30 -23.90 -9.86
C ARG A 310 -9.91 -23.37 -9.47
N THR A 311 -8.92 -23.64 -10.32
CA THR A 311 -7.54 -23.15 -10.13
C THR A 311 -7.55 -21.63 -10.08
N PRO A 312 -7.12 -21.04 -8.95
CA PRO A 312 -7.09 -19.58 -8.89
C PRO A 312 -5.99 -19.00 -9.76
N PRO A 313 -6.19 -17.76 -10.24
CA PRO A 313 -5.10 -17.09 -10.91
C PRO A 313 -3.90 -17.06 -9.98
N PRO A 314 -2.74 -17.55 -10.42
CA PRO A 314 -1.58 -17.55 -9.52
C PRO A 314 -1.04 -16.16 -9.21
N LEU A 315 -1.19 -15.22 -10.12
CA LEU A 315 -0.69 -13.86 -9.89
C LEU A 315 -1.48 -12.86 -10.72
N VAL A 316 -2.06 -11.89 -10.03
CA VAL A 316 -2.77 -10.79 -10.65
C VAL A 316 -2.17 -9.52 -10.10
N LEU A 317 -1.74 -8.64 -10.99
CA LEU A 317 -1.13 -7.38 -10.62
C LEU A 317 -1.96 -6.26 -11.17
N THR A 318 -2.55 -5.50 -10.25
CA THR A 318 -3.56 -4.49 -10.57
C THR A 318 -2.98 -3.09 -10.81
N SER A 319 -3.79 -2.23 -11.39
CA SER A 319 -3.34 -0.93 -11.86
C SER A 319 -4.01 0.21 -11.12
N GLY A 320 -3.51 1.41 -11.35
CA GLY A 320 -4.01 2.59 -10.69
C GLY A 320 -4.02 3.81 -11.59
N THR A 321 -4.68 4.87 -11.11
CA THR A 321 -4.67 6.14 -11.82
C THR A 321 -4.54 7.29 -10.82
N LEU A 322 -3.93 8.36 -11.28
CA LEU A 322 -3.69 9.50 -10.42
C LEU A 322 -4.97 10.23 -10.05
N ILE A 323 -5.13 10.53 -8.76
CA ILE A 323 -6.19 11.42 -8.28
C ILE A 323 -5.55 12.58 -7.53
N THR A 324 -6.17 13.74 -7.69
CA THR A 324 -5.84 14.93 -6.96
C THR A 324 -7.16 15.53 -6.44
N ARG A 325 -7.10 16.69 -5.79
CA ARG A 325 -8.30 17.35 -5.32
C ARG A 325 -9.30 17.58 -6.46
N ALA A 326 -8.81 17.77 -7.68
CA ALA A 326 -9.67 18.15 -8.81
C ALA A 326 -10.53 17.00 -9.35
N ASN A 327 -10.05 15.76 -9.25
CA ASN A 327 -10.76 14.63 -9.86
C ASN A 327 -11.06 13.46 -8.94
N GLU A 328 -10.69 13.54 -7.67
CA GLU A 328 -10.85 12.37 -6.80
C GLU A 328 -12.29 11.84 -6.71
N LYS A 329 -13.26 12.74 -6.63
CA LYS A 329 -14.64 12.27 -6.47
C LYS A 329 -15.14 11.53 -7.71
N THR A 330 -14.88 12.11 -8.87
CA THR A 330 -15.24 11.50 -10.13
C THR A 330 -14.54 10.18 -10.38
N ALA A 331 -13.23 10.17 -10.15
CA ALA A 331 -12.42 8.96 -10.40
C ALA A 331 -12.87 7.80 -9.54
N ARG A 332 -13.11 8.08 -8.26
CA ARG A 332 -13.57 7.06 -7.36
C ARG A 332 -14.95 6.57 -7.76
N ALA A 333 -15.87 7.48 -8.10
CA ALA A 333 -17.24 7.08 -8.50
C ALA A 333 -17.25 6.23 -9.76
N GLN A 334 -16.33 6.52 -10.70
CA GLN A 334 -16.29 5.75 -11.93
C GLN A 334 -15.76 4.33 -11.72
N LEU A 335 -15.16 4.06 -10.56
CA LEU A 335 -14.84 2.68 -10.13
C LEU A 335 -15.89 2.10 -9.18
N GLY A 336 -16.90 2.88 -8.82
CA GLY A 336 -17.93 2.43 -7.89
C GLY A 336 -17.44 2.33 -6.47
N LEU A 337 -16.49 3.18 -6.11
CA LEU A 337 -15.86 3.15 -4.78
C LEU A 337 -16.55 4.11 -3.83
C1 GAL B . 0.27 -2.86 1.12
C2 GAL B . 0.17 -1.53 1.84
C3 GAL B . -1.26 -0.99 1.66
C4 GAL B . -1.60 -0.94 0.17
C5 GAL B . -1.43 -2.33 -0.42
C6 GAL B . -1.70 -2.34 -1.92
O1 GAL B . 1.61 -3.29 1.20
O2 GAL B . 0.45 -1.75 3.21
O3 GAL B . -1.40 0.31 2.26
O4 GAL B . -0.81 0.01 -0.49
O5 GAL B . -0.08 -2.72 -0.25
O6 GAL B . -1.54 -3.64 -2.46
#